data_2JKQ
#
_entry.id   2JKQ
#
_cell.length_a   44.523
_cell.length_b   44.887
_cell.length_c   66.435
_cell.angle_alpha   90.00
_cell.angle_beta   95.42
_cell.angle_gamma   90.00
#
_symmetry.space_group_name_H-M   'P 1 21 1'
#
loop_
_entity.id
_entity.type
_entity.pdbx_description
1 polymer 'FOCAL ADHESION KINASE 1'
2 non-polymer "4-(1,4'-bipiperidin-1'-yl)-7-({5-chloro-2-[(2-methoxyphenyl)amino]pyrimidin-4-yl}amino)-2-methyl-2,3-dihydro-1H-isoindol-1-one"
3 water water
#
_entity_poly.entity_id   1
_entity_poly.type   'polypeptide(L)'
_entity_poly.pdbx_seq_one_letter_code
;STRDYEIQRERIELGRCIGEGQFGDVHQGIYMSPENPALAVAIKTCKNCTSDSVREKFLQEALTMRQFDHPHIVKLIGVI
TENPVWIIMELCTLGELRSFLQVRKYSLDLASLILYAYQLSTALAYLESKRFVHRDIAARNVLVSSNDCVKLGDFGLSRY
MEDSTYYKASKGKLPIKWMAPESINFRRFTSASDVWMFGVCMWEILMHGVKPFQGVKNNDVIGRIENGERLPMPPNCPPT
LYSLMTKCWAYDPSRRPRFTELKAQLSTILEEEKLQ
;
_entity_poly.pdbx_strand_id   A
#
# COMPACT_ATOMS: atom_id res chain seq x y z
N ASP A 4 12.20 21.05 9.56
CA ASP A 4 13.63 20.85 9.20
C ASP A 4 13.88 19.41 8.74
N TYR A 5 13.65 19.16 7.46
CA TYR A 5 13.77 17.79 6.92
C TYR A 5 15.10 17.52 6.22
N GLU A 6 15.97 18.54 6.20
CA GLU A 6 17.27 18.42 5.57
C GLU A 6 18.21 17.56 6.43
N ILE A 7 18.74 16.50 5.83
CA ILE A 7 19.61 15.58 6.54
C ILE A 7 21.03 15.58 5.96
N GLN A 8 22.00 15.66 6.87
CA GLN A 8 23.43 15.47 6.57
C GLN A 8 23.70 14.08 5.99
N ARG A 9 24.42 14.02 4.86
CA ARG A 9 24.68 12.73 4.20
C ARG A 9 25.49 11.80 5.09
N GLU A 10 26.32 12.40 5.95
CA GLU A 10 27.21 11.63 6.81
C GLU A 10 26.47 10.88 7.89
N ARG A 11 25.22 11.25 8.15
CA ARG A 11 24.36 10.53 9.10
C ARG A 11 23.75 9.29 8.49
N ILE A 12 23.92 9.14 7.18
CA ILE A 12 23.31 8.03 6.43
C ILE A 12 24.36 7.00 6.03
N GLU A 13 24.04 5.74 6.29
CA GLU A 13 24.82 4.62 5.78
C GLU A 13 23.95 3.82 4.82
N LEU A 14 24.39 3.74 3.57
CA LEU A 14 23.69 3.00 2.55
C LEU A 14 23.97 1.51 2.70
N GLY A 15 22.95 0.68 2.47
CA GLY A 15 23.05 -0.77 2.58
C GLY A 15 22.48 -1.44 1.33
N ARG A 16 22.13 -2.72 1.42
CA ARG A 16 21.70 -3.47 0.23
C ARG A 16 20.45 -2.88 -0.45
N CYS A 17 20.34 -3.14 -1.75
CA CYS A 17 19.23 -2.64 -2.54
C CYS A 17 17.95 -3.44 -2.28
N ILE A 18 16.84 -2.75 -2.13
CA ILE A 18 15.58 -3.39 -1.72
C ILE A 18 14.44 -3.32 -2.75
N GLY A 19 14.72 -2.66 -3.88
CA GLY A 19 13.74 -2.43 -4.92
C GLY A 19 14.17 -1.32 -5.87
N GLU A 20 13.29 -0.96 -6.80
CA GLU A 20 13.59 -0.01 -7.87
C GLU A 20 12.40 0.91 -8.11
N GLY A 21 12.68 2.20 -8.27
CA GLY A 21 11.64 3.17 -8.59
C GLY A 21 11.82 3.74 -9.98
N GLN A 22 10.91 4.61 -10.38
CA GLN A 22 10.95 5.31 -11.66
C GLN A 22 12.14 6.28 -11.75
N PHE A 23 12.68 6.67 -10.60
CA PHE A 23 13.77 7.64 -10.51
C PHE A 23 15.14 7.00 -10.19
N GLY A 24 15.14 5.85 -9.53
CA GLY A 24 16.38 5.17 -9.18
C GLY A 24 16.15 3.98 -8.25
N ASP A 25 17.24 3.49 -7.66
CA ASP A 25 17.19 2.31 -6.80
C ASP A 25 16.78 2.70 -5.39
N VAL A 26 16.12 1.78 -4.71
CA VAL A 26 15.78 1.97 -3.32
C VAL A 26 16.72 1.10 -2.52
N HIS A 27 17.27 1.68 -1.46
CA HIS A 27 18.21 0.99 -0.59
C HIS A 27 17.66 0.97 0.82
N GLN A 28 18.05 -0.04 1.57
CA GLN A 28 17.93 0.02 3.02
C GLN A 28 19.25 0.58 3.57
N GLY A 29 19.17 1.16 4.76
CA GLY A 29 20.33 1.74 5.40
C GLY A 29 20.04 2.15 6.83
N ILE A 30 20.99 2.86 7.41
CA ILE A 30 20.93 3.27 8.80
C ILE A 30 20.99 4.79 8.86
N TYR A 31 20.19 5.38 9.73
CA TYR A 31 20.31 6.81 10.02
C TYR A 31 20.89 6.96 11.41
N MET A 32 22.05 7.59 11.48
CA MET A 32 22.78 7.68 12.72
C MET A 32 22.59 9.04 13.34
N SER A 33 22.78 9.11 14.65
CA SER A 33 22.47 10.30 15.42
C SER A 33 23.26 10.22 16.71
N PRO A 34 23.80 11.36 17.17
CA PRO A 34 24.44 11.30 18.48
C PRO A 34 23.41 10.88 19.54
N GLU A 35 23.69 9.75 20.21
CA GLU A 35 23.01 9.41 21.49
C GLU A 35 22.45 7.90 21.85
N ASN A 36 20.97 7.72 21.47
CA ASN A 36 20.71 7.53 20.17
C ASN A 36 21.44 6.41 19.48
N PRO A 37 20.69 5.32 19.21
CA PRO A 37 21.30 4.24 18.47
C PRO A 37 21.42 4.71 17.02
N ALA A 38 20.36 4.38 16.29
CA ALA A 38 20.59 4.02 14.85
C ALA A 38 19.22 3.56 14.38
N LEU A 39 18.77 4.22 13.32
CA LEU A 39 17.42 4.05 12.87
C LEU A 39 17.51 3.34 11.54
N ALA A 40 16.67 2.33 11.35
CA ALA A 40 16.57 1.66 10.07
C ALA A 40 15.67 2.47 9.13
N VAL A 41 16.18 2.73 7.93
CA VAL A 41 15.52 3.59 6.97
C VAL A 41 15.54 3.00 5.57
N ALA A 42 14.61 3.47 4.74
CA ALA A 42 14.63 3.21 3.31
C ALA A 42 15.21 4.46 2.68
N ILE A 43 16.08 4.29 1.70
CA ILE A 43 16.71 5.41 1.03
C ILE A 43 16.37 5.36 -0.44
N LYS A 44 15.58 6.32 -0.89
CA LYS A 44 15.23 6.43 -2.30
C LYS A 44 16.33 7.21 -3.01
N THR A 45 16.86 6.64 -4.09
CA THR A 45 17.89 7.33 -4.87
C THR A 45 17.35 7.80 -6.22
N CYS A 46 18.24 8.34 -7.04
CA CYS A 46 17.85 9.05 -8.24
C CYS A 46 18.96 9.07 -9.30
N LYS A 47 18.83 8.20 -10.30
CA LYS A 47 19.84 8.06 -11.36
C LYS A 47 20.07 9.36 -12.13
N ASN A 48 18.98 9.97 -12.60
CA ASN A 48 19.06 11.15 -13.47
C ASN A 48 18.74 12.48 -12.78
N CYS A 49 18.86 12.53 -11.45
CA CYS A 49 18.67 13.77 -10.69
C CYS A 49 19.71 14.84 -11.03
N THR A 50 20.51 14.55 -12.05
CA THR A 50 21.44 15.52 -12.60
C THR A 50 20.67 16.73 -13.14
N SER A 51 19.63 16.48 -13.94
CA SER A 51 18.76 17.53 -14.46
C SER A 51 17.87 18.11 -13.35
N ASP A 52 17.33 19.30 -13.59
CA ASP A 52 16.56 20.01 -12.57
C ASP A 52 15.07 19.70 -12.62
N SER A 53 14.60 19.30 -13.81
CA SER A 53 13.22 18.90 -13.99
C SER A 53 12.96 17.57 -13.26
N VAL A 54 13.91 16.64 -13.39
CA VAL A 54 13.82 15.33 -12.75
C VAL A 54 13.86 15.47 -11.22
N ARG A 55 14.72 16.38 -10.74
CA ARG A 55 14.91 16.63 -9.32
C ARG A 55 13.61 17.10 -8.64
N GLU A 56 12.89 18.00 -9.29
CA GLU A 56 11.63 18.57 -8.78
C GLU A 56 10.48 17.56 -8.83
N LYS A 57 10.55 16.63 -9.79
CA LYS A 57 9.62 15.51 -9.87
C LYS A 57 9.86 14.50 -8.74
N PHE A 58 11.14 14.22 -8.49
CA PHE A 58 11.56 13.26 -7.47
C PHE A 58 11.23 13.76 -6.07
N LEU A 59 11.45 15.04 -5.84
CA LEU A 59 11.29 15.63 -4.51
C LEU A 59 9.82 15.91 -4.16
N GLN A 60 9.00 16.12 -5.18
CA GLN A 60 7.56 16.24 -5.01
C GLN A 60 7.00 14.99 -4.33
N GLU A 61 7.66 13.85 -4.52
CA GLU A 61 7.29 12.62 -3.82
C GLU A 61 7.54 12.71 -2.30
N ALA A 62 8.64 13.35 -1.92
CA ALA A 62 8.92 13.58 -0.51
C ALA A 62 7.85 14.48 0.07
N LEU A 63 7.54 15.56 -0.64
CA LEU A 63 6.50 16.52 -0.26
C LEU A 63 5.14 15.87 -0.03
N THR A 64 4.80 14.90 -0.87
CA THR A 64 3.53 14.20 -0.76
C THR A 64 3.44 13.45 0.57
N MET A 65 4.48 12.69 0.91
CA MET A 65 4.50 11.88 2.14
C MET A 65 4.51 12.73 3.40
N ARG A 66 5.17 13.88 3.31
CA ARG A 66 5.24 14.85 4.40
C ARG A 66 3.85 15.32 4.84
N GLN A 67 2.89 15.33 3.92
CA GLN A 67 1.53 15.74 4.25
C GLN A 67 0.83 14.78 5.22
N PHE A 68 1.38 13.58 5.39
CA PHE A 68 0.68 12.53 6.16
C PHE A 68 1.43 12.06 7.40
N ASP A 69 0.66 11.86 8.46
CA ASP A 69 1.14 11.46 9.77
C ASP A 69 0.19 10.41 10.34
N HIS A 70 0.48 9.14 10.04
CA HIS A 70 -0.39 8.02 10.41
C HIS A 70 0.42 6.77 10.74
N PRO A 71 0.02 6.02 11.80
CA PRO A 71 0.78 4.84 12.17
C PRO A 71 0.91 3.80 11.05
N HIS A 72 -0.10 3.72 10.17
CA HIS A 72 -0.12 2.69 9.13
C HIS A 72 0.16 3.22 7.71
N ILE A 73 0.89 4.32 7.65
CA ILE A 73 1.39 4.89 6.41
C ILE A 73 2.84 5.22 6.68
N VAL A 74 3.70 4.86 5.73
CA VAL A 74 5.14 5.04 5.88
C VAL A 74 5.48 6.53 6.08
N LYS A 75 6.37 6.81 7.01
CA LYS A 75 6.70 8.20 7.35
C LYS A 75 7.90 8.70 6.56
N LEU A 76 7.86 9.98 6.19
CA LEU A 76 9.03 10.64 5.65
C LEU A 76 9.93 10.99 6.83
N ILE A 77 11.21 10.65 6.72
CA ILE A 77 12.20 11.03 7.73
C ILE A 77 12.91 12.32 7.31
N GLY A 78 13.46 12.33 6.10
CA GLY A 78 14.03 13.56 5.55
C GLY A 78 14.56 13.45 4.14
N VAL A 79 15.23 14.51 3.70
CA VAL A 79 15.77 14.61 2.36
C VAL A 79 17.21 15.08 2.40
N ILE A 80 17.98 14.68 1.39
CA ILE A 80 19.35 15.19 1.18
C ILE A 80 19.37 15.83 -0.19
N THR A 81 19.51 17.15 -0.21
CA THR A 81 19.20 17.92 -1.42
C THR A 81 20.41 18.34 -2.26
N GLU A 82 21.58 17.79 -1.95
CA GLU A 82 22.73 17.89 -2.83
C GLU A 82 22.84 16.58 -3.60
N ASN A 83 23.57 16.60 -4.70
CA ASN A 83 23.68 15.42 -5.55
C ASN A 83 24.64 14.35 -4.99
N PRO A 84 24.21 13.07 -4.98
CA PRO A 84 22.90 12.57 -5.41
C PRO A 84 21.77 12.82 -4.40
N VAL A 85 20.65 13.35 -4.89
CA VAL A 85 19.51 13.69 -4.06
C VAL A 85 18.89 12.42 -3.49
N TRP A 86 18.66 12.41 -2.17
CA TRP A 86 18.07 11.24 -1.49
C TRP A 86 16.84 11.58 -0.66
N ILE A 87 15.87 10.67 -0.70
CA ILE A 87 14.71 10.72 0.19
C ILE A 87 14.84 9.57 1.16
N ILE A 88 14.75 9.90 2.43
CA ILE A 88 14.92 8.94 3.49
C ILE A 88 13.57 8.66 4.13
N MET A 89 13.06 7.45 3.92
CA MET A 89 11.81 7.02 4.51
C MET A 89 12.08 6.07 5.67
N GLU A 90 11.07 5.86 6.52
CA GLU A 90 11.16 4.83 7.54
C GLU A 90 11.18 3.46 6.86
N LEU A 91 11.89 2.51 7.46
CA LEU A 91 11.97 1.16 6.92
C LEU A 91 10.86 0.26 7.45
N CYS A 92 10.32 -0.55 6.55
CA CYS A 92 9.53 -1.67 6.96
C CYS A 92 10.40 -2.90 6.73
N THR A 93 11.00 -3.35 7.83
CA THR A 93 12.07 -4.34 7.88
C THR A 93 11.73 -5.70 7.27
N LEU A 94 10.47 -6.09 7.38
CA LEU A 94 10.03 -7.43 6.94
C LEU A 94 9.63 -7.51 5.45
N GLY A 95 9.54 -6.36 4.80
CA GLY A 95 9.42 -6.28 3.34
C GLY A 95 8.00 -6.11 2.82
N GLU A 96 7.78 -6.56 1.60
CA GLU A 96 6.49 -6.46 0.94
C GLU A 96 5.50 -7.49 1.51
N LEU A 97 4.23 -7.12 1.53
CA LEU A 97 3.18 -7.98 2.08
C LEU A 97 3.02 -9.30 1.32
N ARG A 98 3.10 -9.24 -0.01
CA ARG A 98 2.93 -10.42 -0.87
C ARG A 98 3.93 -11.55 -0.61
N SER A 99 5.21 -11.21 -0.53
CA SER A 99 6.27 -12.18 -0.25
C SER A 99 6.11 -12.80 1.13
N PHE A 100 5.71 -11.94 2.09
CA PHE A 100 5.51 -12.35 3.47
C PHE A 100 4.38 -13.38 3.60
N LEU A 101 3.27 -13.14 2.91
CA LEU A 101 2.10 -14.05 2.96
C LEU A 101 2.37 -15.39 2.30
N GLN A 102 3.17 -15.37 1.24
CA GLN A 102 3.54 -16.59 0.51
C GLN A 102 4.48 -17.47 1.35
N VAL A 103 5.43 -16.83 2.00
CA VAL A 103 6.44 -17.52 2.83
C VAL A 103 5.85 -18.00 4.16
N ARG A 104 5.18 -17.10 4.89
CA ARG A 104 4.57 -17.45 6.17
C ARG A 104 3.13 -17.92 6.03
N LYS A 105 2.86 -18.62 4.93
CA LYS A 105 1.55 -19.22 4.64
C LYS A 105 1.03 -20.15 5.74
N TYR A 106 1.96 -20.77 6.47
CA TYR A 106 1.64 -21.81 7.45
C TYR A 106 1.87 -21.43 8.90
N SER A 107 2.15 -20.16 9.13
CA SER A 107 2.32 -19.68 10.49
C SER A 107 1.54 -18.40 10.72
N LEU A 108 0.64 -18.09 9.79
CA LEU A 108 -0.26 -16.95 9.90
C LEU A 108 -1.71 -17.42 9.99
N ASP A 109 -2.30 -17.23 11.18
CA ASP A 109 -3.71 -17.55 11.38
C ASP A 109 -4.58 -16.55 10.65
N LEU A 110 -5.83 -16.92 10.40
CA LEU A 110 -6.77 -16.02 9.72
C LEU A 110 -6.87 -14.66 10.43
N ALA A 111 -6.72 -14.67 11.75
CA ALA A 111 -6.75 -13.47 12.58
C ALA A 111 -5.71 -12.39 12.19
N SER A 112 -4.55 -12.82 11.71
CA SER A 112 -3.49 -11.89 11.33
C SER A 112 -3.75 -11.23 9.96
N LEU A 113 -4.35 -11.99 9.05
CA LEU A 113 -4.70 -11.47 7.74
C LEU A 113 -5.78 -10.38 7.84
N ILE A 114 -6.74 -10.60 8.73
CA ILE A 114 -7.81 -9.62 9.00
C ILE A 114 -7.24 -8.36 9.66
N LEU A 115 -6.27 -8.55 10.55
CA LEU A 115 -5.58 -7.42 11.19
C LEU A 115 -4.98 -6.50 10.14
N TYR A 116 -4.29 -7.08 9.15
CA TYR A 116 -3.68 -6.32 8.05
C TYR A 116 -4.70 -5.51 7.27
N ALA A 117 -5.80 -6.17 6.90
CA ALA A 117 -6.91 -5.53 6.19
C ALA A 117 -7.51 -4.36 6.99
N TYR A 118 -7.71 -4.58 8.28
CA TYR A 118 -8.16 -3.51 9.19
C TYR A 118 -7.15 -2.34 9.29
N GLN A 119 -5.89 -2.65 9.61
CA GLN A 119 -4.88 -1.61 9.72
C GLN A 119 -4.83 -0.73 8.47
N LEU A 120 -4.76 -1.36 7.30
CA LEU A 120 -4.76 -0.61 6.05
C LEU A 120 -6.01 0.28 5.89
N SER A 121 -7.16 -0.24 6.33
CA SER A 121 -8.42 0.48 6.18
C SER A 121 -8.46 1.70 7.07
N THR A 122 -7.77 1.64 8.21
CA THR A 122 -7.65 2.80 9.08
C THR A 122 -6.85 3.87 8.35
N ALA A 123 -5.74 3.45 7.72
CA ALA A 123 -4.92 4.34 6.91
C ALA A 123 -5.71 4.96 5.76
N LEU A 124 -6.56 4.15 5.13
CA LEU A 124 -7.29 4.59 3.96
C LEU A 124 -8.44 5.51 4.33
N ALA A 125 -8.99 5.29 5.53
CA ALA A 125 -9.97 6.20 6.12
C ALA A 125 -9.35 7.57 6.43
N TYR A 126 -8.10 7.55 6.88
CA TYR A 126 -7.36 8.77 7.12
C TYR A 126 -7.17 9.55 5.82
N LEU A 127 -6.67 8.88 4.79
CA LEU A 127 -6.53 9.49 3.47
C LEU A 127 -7.86 9.97 2.88
N GLU A 128 -8.95 9.23 3.15
CA GLU A 128 -10.28 9.65 2.71
C GLU A 128 -10.67 10.97 3.40
N SER A 129 -10.48 11.06 4.71
CA SER A 129 -10.85 12.24 5.50
C SER A 129 -10.05 13.49 5.10
N LYS A 130 -8.91 13.25 4.46
CA LYS A 130 -8.06 14.30 3.91
C LYS A 130 -8.42 14.54 2.45
N ARG A 131 -9.27 13.67 1.91
CA ARG A 131 -9.68 13.71 0.49
C ARG A 131 -8.50 13.49 -0.45
N PHE A 132 -7.63 12.56 -0.05
CA PHE A 132 -6.55 12.13 -0.90
C PHE A 132 -6.89 10.79 -1.53
N VAL A 133 -6.84 10.76 -2.85
CA VAL A 133 -7.16 9.57 -3.62
C VAL A 133 -5.86 8.87 -3.97
N HIS A 134 -5.70 7.68 -3.41
CA HIS A 134 -4.48 6.90 -3.60
C HIS A 134 -4.28 6.43 -5.06
N ARG A 135 -5.30 5.77 -5.62
CA ARG A 135 -5.27 5.30 -7.01
C ARG A 135 -4.44 4.02 -7.25
N ASP A 136 -3.65 3.61 -6.27
CA ASP A 136 -2.76 2.46 -6.48
C ASP A 136 -2.73 1.48 -5.33
N ILE A 137 -3.88 1.25 -4.71
CA ILE A 137 -4.03 0.30 -3.61
C ILE A 137 -3.98 -1.12 -4.15
N ALA A 138 -2.91 -1.81 -3.79
CA ALA A 138 -2.68 -3.20 -4.18
C ALA A 138 -1.68 -3.78 -3.20
N ALA A 139 -1.74 -5.08 -2.94
CA ALA A 139 -0.81 -5.72 -1.98
C ALA A 139 0.67 -5.47 -2.26
N ARG A 140 1.04 -5.36 -3.55
CA ARG A 140 2.43 -5.07 -3.91
C ARG A 140 2.90 -3.80 -3.18
N ASN A 141 1.93 -2.92 -2.88
CA ASN A 141 2.18 -1.60 -2.31
C ASN A 141 2.04 -1.55 -0.79
N VAL A 142 1.71 -2.68 -0.18
CA VAL A 142 1.67 -2.77 1.28
C VAL A 142 2.99 -3.35 1.82
N LEU A 143 3.49 -2.78 2.91
CA LEU A 143 4.74 -3.25 3.50
C LEU A 143 4.53 -3.72 4.94
N VAL A 144 5.45 -4.54 5.42
CA VAL A 144 5.34 -5.20 6.71
C VAL A 144 6.44 -4.67 7.62
N SER A 145 6.03 -4.01 8.71
CA SER A 145 6.97 -3.51 9.71
C SER A 145 7.30 -4.60 10.70
N SER A 146 6.26 -5.27 11.18
CA SER A 146 6.43 -6.44 12.02
C SER A 146 5.26 -7.37 11.77
N ASN A 147 5.25 -8.47 12.51
CA ASN A 147 4.19 -9.48 12.42
C ASN A 147 2.78 -8.97 12.59
N ASP A 148 2.62 -7.98 13.45
CA ASP A 148 1.31 -7.39 13.72
C ASP A 148 1.22 -5.95 13.20
N CYS A 149 1.96 -5.64 12.14
CA CYS A 149 1.95 -4.27 11.63
C CYS A 149 2.32 -4.14 10.15
N VAL A 150 1.31 -3.87 9.33
CA VAL A 150 1.49 -3.49 7.93
C VAL A 150 1.32 -1.99 7.74
N LYS A 151 1.95 -1.47 6.68
CA LYS A 151 1.86 -0.07 6.33
C LYS A 151 1.85 0.09 4.82
N LEU A 152 1.09 1.05 4.31
CA LEU A 152 1.19 1.47 2.92
C LEU A 152 2.58 2.02 2.68
N GLY A 153 3.22 1.56 1.61
CA GLY A 153 4.54 2.06 1.25
C GLY A 153 4.47 3.44 0.63
N ASP A 154 5.63 3.98 0.28
CA ASP A 154 5.72 5.24 -0.43
C ASP A 154 4.82 5.26 -1.68
N PHE A 155 3.94 6.25 -1.74
CA PHE A 155 3.03 6.46 -2.88
C PHE A 155 3.82 6.67 -4.17
N GLY A 156 4.96 7.37 -4.06
CA GLY A 156 5.87 7.54 -5.19
C GLY A 156 6.24 6.22 -5.85
N LEU A 157 6.52 5.18 -5.06
CA LEU A 157 6.93 3.88 -5.60
C LEU A 157 5.77 2.92 -5.91
N SER A 158 4.56 3.44 -6.08
CA SER A 158 3.40 2.55 -6.16
C SER A 158 2.60 2.71 -7.45
N LEU A 174 -1.06 0.97 -16.23
CA LEU A 174 -2.29 0.94 -15.45
C LEU A 174 -2.56 -0.44 -14.83
N PRO A 175 -2.90 -0.47 -13.52
CA PRO A 175 -3.22 -1.72 -12.83
C PRO A 175 -4.65 -2.19 -13.10
N ILE A 176 -4.93 -2.53 -14.35
CA ILE A 176 -6.29 -2.83 -14.83
C ILE A 176 -7.04 -3.79 -13.91
N LYS A 177 -6.37 -4.86 -13.49
CA LYS A 177 -6.99 -5.90 -12.68
C LYS A 177 -7.34 -5.46 -11.25
N TRP A 178 -6.91 -4.26 -10.88
CA TRP A 178 -7.15 -3.69 -9.55
C TRP A 178 -8.15 -2.54 -9.57
N MET A 179 -8.35 -1.99 -10.77
CA MET A 179 -9.13 -0.75 -10.97
C MET A 179 -10.66 -0.93 -11.01
N ALA A 180 -11.35 0.08 -10.50
CA ALA A 180 -12.81 0.16 -10.57
C ALA A 180 -13.24 0.40 -12.02
N PRO A 181 -14.46 -0.05 -12.41
CA PRO A 181 -14.94 0.17 -13.78
C PRO A 181 -14.82 1.62 -14.28
N GLU A 182 -15.28 2.58 -13.47
CA GLU A 182 -15.35 3.98 -13.90
C GLU A 182 -13.97 4.60 -14.06
N SER A 183 -12.98 3.99 -13.43
CA SER A 183 -11.59 4.41 -13.57
C SER A 183 -11.05 3.89 -14.89
N ILE A 184 -11.42 2.65 -15.22
CA ILE A 184 -11.04 2.04 -16.50
C ILE A 184 -11.71 2.76 -17.66
N ASN A 185 -13.04 2.83 -17.61
CA ASN A 185 -13.83 3.42 -18.69
C ASN A 185 -13.72 4.93 -18.82
N PHE A 186 -13.63 5.64 -17.69
CA PHE A 186 -13.71 7.10 -17.72
C PHE A 186 -12.63 7.83 -16.94
N ARG A 187 -11.57 7.12 -16.59
CA ARG A 187 -10.42 7.69 -15.87
C ARG A 187 -10.82 8.50 -14.64
N ARG A 188 -12.04 8.26 -14.14
CA ARG A 188 -12.50 8.88 -12.90
C ARG A 188 -11.91 8.10 -11.73
N PHE A 189 -10.95 8.71 -11.04
CA PHE A 189 -10.33 8.12 -9.86
C PHE A 189 -10.80 8.92 -8.65
N THR A 190 -11.56 8.25 -7.77
CA THR A 190 -12.08 8.88 -6.54
C THR A 190 -11.91 7.90 -5.37
N SER A 191 -12.40 8.28 -4.18
CA SER A 191 -12.27 7.43 -3.00
C SER A 191 -13.10 6.16 -3.08
N ALA A 192 -14.21 6.25 -3.80
CA ALA A 192 -15.06 5.09 -4.05
C ALA A 192 -14.36 4.12 -5.02
N SER A 193 -13.49 4.65 -5.87
CA SER A 193 -12.67 3.79 -6.74
C SER A 193 -11.53 3.17 -5.95
N ASP A 194 -10.99 3.92 -4.99
CA ASP A 194 -10.04 3.37 -4.03
C ASP A 194 -10.64 2.21 -3.22
N VAL A 195 -11.91 2.34 -2.83
CA VAL A 195 -12.61 1.29 -2.08
C VAL A 195 -12.64 -0.02 -2.86
N TRP A 196 -12.92 0.05 -4.16
CA TRP A 196 -12.88 -1.12 -5.04
C TRP A 196 -11.48 -1.74 -4.99
N MET A 197 -10.47 -0.90 -5.17
CA MET A 197 -9.07 -1.35 -5.19
C MET A 197 -8.73 -2.03 -3.88
N PHE A 198 -9.18 -1.43 -2.77
CA PHE A 198 -9.02 -2.02 -1.45
C PHE A 198 -9.71 -3.37 -1.36
N GLY A 199 -10.91 -3.48 -1.92
CA GLY A 199 -11.59 -4.77 -2.05
C GLY A 199 -10.71 -5.84 -2.69
N VAL A 200 -10.13 -5.54 -3.85
CA VAL A 200 -9.17 -6.43 -4.51
C VAL A 200 -8.03 -6.79 -3.55
N CYS A 201 -7.52 -5.79 -2.84
CA CYS A 201 -6.39 -5.99 -1.92
C CYS A 201 -6.73 -6.91 -0.75
N MET A 202 -7.90 -6.75 -0.14
CA MET A 202 -8.34 -7.67 0.91
C MET A 202 -8.39 -9.10 0.38
N TRP A 203 -8.76 -9.26 -0.89
CA TRP A 203 -8.77 -10.56 -1.55
C TRP A 203 -7.37 -11.15 -1.64
N GLU A 204 -6.42 -10.35 -2.14
CA GLU A 204 -5.02 -10.76 -2.24
C GLU A 204 -4.51 -11.26 -0.90
N ILE A 205 -4.78 -10.50 0.16
CA ILE A 205 -4.38 -10.86 1.52
C ILE A 205 -4.93 -12.21 1.96
N LEU A 206 -6.24 -12.38 1.84
CA LEU A 206 -6.89 -13.63 2.19
C LEU A 206 -6.42 -14.80 1.34
N MET A 207 -6.01 -14.50 0.11
CA MET A 207 -5.47 -15.50 -0.81
C MET A 207 -3.97 -15.76 -0.62
N HIS A 208 -3.40 -15.18 0.43
CA HIS A 208 -1.97 -15.30 0.74
C HIS A 208 -1.08 -14.88 -0.43
N GLY A 209 -1.41 -13.73 -1.02
CA GLY A 209 -0.53 -13.09 -1.99
C GLY A 209 -0.65 -13.58 -3.42
N VAL A 210 -1.79 -14.18 -3.75
CA VAL A 210 -2.09 -14.54 -5.14
C VAL A 210 -2.72 -13.34 -5.85
N LYS A 211 -2.32 -13.15 -7.10
CA LYS A 211 -2.76 -12.02 -7.93
C LYS A 211 -4.15 -12.26 -8.55
N PRO A 212 -4.99 -11.20 -8.62
CA PRO A 212 -6.30 -11.31 -9.29
C PRO A 212 -6.17 -11.57 -10.79
N PHE A 213 -7.11 -12.35 -11.32
CA PHE A 213 -7.20 -12.66 -12.74
C PHE A 213 -5.87 -13.15 -13.32
N GLN A 214 -5.42 -14.30 -12.80
CA GLN A 214 -4.25 -15.01 -13.33
C GLN A 214 -4.54 -15.50 -14.75
N GLY A 215 -3.56 -15.32 -15.64
CA GLY A 215 -3.67 -15.80 -17.02
C GLY A 215 -4.65 -15.03 -17.90
N VAL A 216 -5.36 -14.08 -17.28
CA VAL A 216 -6.35 -13.26 -17.99
C VAL A 216 -5.68 -11.97 -18.49
N LYS A 217 -5.73 -11.76 -19.82
CA LYS A 217 -5.17 -10.55 -20.44
C LYS A 217 -5.96 -9.31 -20.01
N ASN A 218 -5.26 -8.20 -19.81
CA ASN A 218 -5.85 -6.94 -19.35
C ASN A 218 -7.13 -6.50 -20.08
N ASN A 219 -7.25 -6.90 -21.35
CA ASN A 219 -8.43 -6.55 -22.17
C ASN A 219 -9.68 -7.35 -21.79
N ASP A 220 -9.49 -8.61 -21.40
CA ASP A 220 -10.59 -9.49 -21.02
C ASP A 220 -11.24 -9.03 -19.70
N VAL A 221 -10.44 -8.35 -18.89
CA VAL A 221 -10.83 -7.94 -17.52
C VAL A 221 -12.17 -7.19 -17.46
N ILE A 222 -12.27 -6.09 -18.22
CA ILE A 222 -13.40 -5.17 -18.10
C ILE A 222 -14.73 -5.80 -18.54
N GLY A 223 -14.71 -6.53 -19.66
CA GLY A 223 -15.88 -7.24 -20.17
C GLY A 223 -16.45 -8.18 -19.14
N ARG A 224 -15.56 -8.86 -18.41
CA ARG A 224 -15.95 -9.75 -17.32
C ARG A 224 -16.53 -9.03 -16.11
N ILE A 225 -15.98 -7.87 -15.76
CA ILE A 225 -16.51 -7.04 -14.67
C ILE A 225 -17.90 -6.48 -15.00
N GLU A 226 -18.14 -6.17 -16.27
CA GLU A 226 -19.46 -5.71 -16.70
C GLU A 226 -20.45 -6.85 -16.83
N ASN A 227 -19.94 -8.05 -17.11
CA ASN A 227 -20.76 -9.27 -17.11
C ASN A 227 -21.24 -9.66 -15.71
N GLY A 228 -20.57 -9.12 -14.70
CA GLY A 228 -20.93 -9.34 -13.30
C GLY A 228 -19.94 -10.18 -12.51
N GLU A 229 -18.95 -10.73 -13.21
CA GLU A 229 -17.96 -11.63 -12.61
C GLU A 229 -17.12 -10.87 -11.60
N ARG A 230 -17.03 -11.45 -10.40
CA ARG A 230 -16.24 -10.90 -9.31
C ARG A 230 -15.30 -12.00 -8.85
N LEU A 231 -14.20 -11.60 -8.21
CA LEU A 231 -13.25 -12.54 -7.66
C LEU A 231 -13.96 -13.47 -6.67
N PRO A 232 -13.68 -14.80 -6.76
CA PRO A 232 -14.26 -15.84 -5.90
C PRO A 232 -13.97 -15.68 -4.42
N MET A 233 -14.81 -16.27 -3.56
CA MET A 233 -14.56 -16.31 -2.13
C MET A 233 -13.34 -17.18 -1.90
N PRO A 234 -12.33 -16.64 -1.18
CA PRO A 234 -11.14 -17.42 -0.87
C PRO A 234 -11.48 -18.56 0.09
N PRO A 235 -10.78 -19.71 -0.03
CA PRO A 235 -11.06 -20.78 0.92
C PRO A 235 -10.84 -20.26 2.35
N ASN A 236 -11.69 -20.70 3.27
CA ASN A 236 -11.64 -20.30 4.70
C ASN A 236 -12.00 -18.84 5.02
N CYS A 237 -12.28 -18.03 3.99
CA CYS A 237 -12.71 -16.65 4.22
C CYS A 237 -14.09 -16.63 4.88
N PRO A 238 -14.23 -15.93 6.02
CA PRO A 238 -15.49 -15.90 6.74
C PRO A 238 -16.55 -15.18 5.91
N PRO A 239 -17.73 -15.81 5.72
CA PRO A 239 -18.85 -15.27 4.94
C PRO A 239 -19.00 -13.73 5.01
N THR A 240 -19.08 -13.19 6.23
CA THR A 240 -19.31 -11.75 6.44
C THR A 240 -18.24 -10.85 5.82
N LEU A 241 -17.00 -11.35 5.77
CA LEU A 241 -15.88 -10.60 5.18
C LEU A 241 -15.97 -10.59 3.64
N TYR A 242 -16.47 -11.67 3.06
CA TYR A 242 -16.61 -11.73 1.61
C TYR A 242 -17.82 -10.92 1.12
N SER A 243 -18.85 -10.87 1.96
CA SER A 243 -19.97 -9.97 1.78
C SER A 243 -19.46 -8.53 1.67
N LEU A 244 -18.55 -8.17 2.56
CA LEU A 244 -17.96 -6.83 2.57
C LEU A 244 -17.15 -6.57 1.31
N MET A 245 -16.39 -7.57 0.86
CA MET A 245 -15.62 -7.48 -0.37
C MET A 245 -16.55 -7.24 -1.55
N THR A 246 -17.66 -7.99 -1.61
CA THR A 246 -18.62 -7.83 -2.72
C THR A 246 -19.30 -6.46 -2.73
N LYS A 247 -19.40 -5.86 -1.55
CA LYS A 247 -19.94 -4.51 -1.43
C LYS A 247 -18.93 -3.48 -1.93
N CYS A 248 -17.64 -3.75 -1.75
CA CYS A 248 -16.60 -2.92 -2.34
C CYS A 248 -16.62 -2.99 -3.88
N TRP A 249 -17.19 -4.07 -4.42
CA TRP A 249 -17.26 -4.24 -5.87
C TRP A 249 -18.69 -4.05 -6.44
N ALA A 250 -19.44 -3.14 -5.82
CA ALA A 250 -20.69 -2.67 -6.38
C ALA A 250 -20.36 -1.85 -7.62
N TYR A 251 -20.93 -2.23 -8.76
CA TYR A 251 -20.60 -1.57 -10.02
C TYR A 251 -20.80 -0.07 -9.91
N ASP A 252 -21.97 0.33 -9.42
CA ASP A 252 -22.24 1.74 -9.13
C ASP A 252 -21.47 2.13 -7.86
N PRO A 253 -20.50 3.06 -8.00
CA PRO A 253 -19.62 3.45 -6.89
C PRO A 253 -20.26 4.16 -5.69
N SER A 254 -21.53 4.56 -5.83
CA SER A 254 -22.24 5.21 -4.72
C SER A 254 -22.87 4.21 -3.74
N ARG A 255 -22.90 2.94 -4.14
CA ARG A 255 -23.44 1.86 -3.32
C ARG A 255 -22.31 1.16 -2.55
N ARG A 256 -21.08 1.48 -2.93
CA ARG A 256 -19.89 0.99 -2.25
C ARG A 256 -19.77 1.67 -0.89
N PRO A 257 -19.36 0.92 0.16
CA PRO A 257 -19.24 1.55 1.47
C PRO A 257 -18.00 2.43 1.56
N ARG A 258 -18.10 3.54 2.30
CA ARG A 258 -16.94 4.41 2.56
C ARG A 258 -15.89 3.70 3.41
N PHE A 259 -14.69 4.27 3.47
CA PHE A 259 -13.59 3.66 4.19
C PHE A 259 -13.79 3.66 5.70
N THR A 260 -14.55 4.63 6.20
CA THR A 260 -14.87 4.68 7.62
C THR A 260 -15.85 3.56 8.01
N GLU A 261 -16.70 3.17 7.05
CA GLU A 261 -17.66 2.07 7.20
C GLU A 261 -16.91 0.73 7.26
N LEU A 262 -15.99 0.54 6.31
CA LEU A 262 -15.10 -0.62 6.26
C LEU A 262 -14.28 -0.83 7.55
N LYS A 263 -13.80 0.27 8.12
CA LYS A 263 -13.00 0.27 9.33
C LYS A 263 -13.80 -0.30 10.50
N ALA A 264 -15.06 0.13 10.63
CA ALA A 264 -15.93 -0.34 11.72
C ALA A 264 -16.41 -1.78 11.52
N GLN A 265 -16.48 -2.23 10.27
CA GLN A 265 -16.87 -3.61 9.99
C GLN A 265 -15.69 -4.56 10.16
N LEU A 266 -14.51 -4.15 9.72
CA LEU A 266 -13.32 -4.98 9.85
C LEU A 266 -12.88 -5.09 11.32
N SER A 267 -13.25 -4.09 12.12
CA SER A 267 -13.01 -4.09 13.56
C SER A 267 -13.81 -5.19 14.26
N THR A 268 -15.10 -5.27 13.97
CA THR A 268 -15.96 -6.30 14.57
C THR A 268 -15.64 -7.69 14.03
N ILE A 269 -15.44 -7.79 12.71
CA ILE A 269 -15.02 -9.03 12.05
C ILE A 269 -13.77 -9.63 12.71
N LEU A 270 -12.77 -8.77 12.94
CA LEU A 270 -11.50 -9.17 13.55
C LEU A 270 -11.66 -9.67 14.99
N GLU A 271 -12.37 -8.90 15.82
CA GLU A 271 -12.66 -9.29 17.20
C GLU A 271 -13.32 -10.67 17.25
N GLU A 272 -14.30 -10.88 16.37
CA GLU A 272 -14.99 -12.15 16.18
C GLU A 272 -14.03 -13.31 15.90
N GLU A 273 -12.95 -13.02 15.15
CA GLU A 273 -11.96 -14.05 14.81
C GLU A 273 -10.87 -14.23 15.89
N LYS A 274 -10.52 -13.14 16.58
CA LYS A 274 -9.61 -13.22 17.73
C LYS A 274 -10.20 -14.12 18.82
N LEU A 275 -11.50 -14.34 18.72
CA LEU A 275 -12.24 -15.28 19.58
C LEU A 275 -12.25 -16.70 18.99
N GLN A 276 -12.31 -16.78 17.65
CA GLN A 276 -12.41 -18.04 16.90
C GLN A 276 -13.71 -18.80 17.20
#